data_5BR7
#
_entry.id   5BR7
#
_cell.length_a   98.278
_cell.length_b   98.278
_cell.length_c   126.223
_cell.angle_alpha   90.000
_cell.angle_beta   90.000
_cell.angle_gamma   90.000
#
_symmetry.space_group_name_H-M   'P 41 21 2'
#
loop_
_entity.id
_entity.type
_entity.pdbx_description
1 polymer 'UDP-galactopyranose mutase'
2 non-polymer 'FLAVIN-ADENINE DINUCLEOTIDE'
3 non-polymer 1,2-ETHANEDIOL
4 non-polymer 'SODIUM ION'
5 non-polymer 'ISOPROPYL ALCOHOL'
6 non-polymer 'CITRATE ANION'
7 water water
#
_entity_poly.entity_id   1
_entity_poly.type   'polypeptide(L)'
_entity_poly.pdbx_seq_one_letter_code
;MSDFDLIVVGSGLFGLTVAERAASQLGKKVLIVEKRSHLGGNAYSEAEPETGIEIHKYGAHLFHTSNKRVWDYVNQFTAF
TGYQHRVFAMHNGTAYQFPMGLGLINQFFGRYYTPDEARELIKEQSAEIDSKDATNLEEKAISLIGRPLYEAFIRDYTAK
QWQTDPKELPAGNITRLPVRYNFDNRYFNDTYEGLPVDGYAQWLSNMADHENIEVRLDTDWFEVREDLRAQNPEAPVVYT
GPLDRYFDYSEGHLGWRTLDFETEVLNTGDFQGTPVMNYNDAEFPYTRIHEFRHFHPEREDRHPKDKTVIMKEYSRFAEE
GDEPYYPINTPSDREMLFKYRELADAETESGKVYFGGRLGTYQYLDMHMAIASALSMFDNKLVDALKHHHHHH
;
_entity_poly.pdbx_strand_id   A
#
loop_
_chem_comp.id
_chem_comp.type
_chem_comp.name
_chem_comp.formula
EDO non-polymer 1,2-ETHANEDIOL 'C2 H6 O2'
FAD non-polymer 'FLAVIN-ADENINE DINUCLEOTIDE' 'C27 H33 N9 O15 P2'
FLC non-polymer 'CITRATE ANION' 'C6 H5 O7 -3'
IPA non-polymer 'ISOPROPYL ALCOHOL' 'C3 H8 O'
NA non-polymer 'SODIUM ION' 'Na 1'
#
# COMPACT_ATOMS: atom_id res chain seq x y z
N SER A 2 26.76 3.43 24.76
N SER A 2 26.76 3.34 24.87
CA SER A 2 26.27 2.07 24.52
CA SER A 2 26.19 2.04 24.55
C SER A 2 26.34 1.75 23.03
C SER A 2 26.30 1.75 23.06
N ASP A 3 26.15 0.49 22.69
CA ASP A 3 26.23 0.09 21.28
C ASP A 3 25.03 0.63 20.49
N PHE A 4 23.90 0.78 21.16
CA PHE A 4 22.72 1.41 20.54
C PHE A 4 21.93 2.19 21.58
N ASP A 5 21.20 3.21 21.12
CA ASP A 5 20.35 4.03 21.99
C ASP A 5 18.87 3.76 21.72
N LEU A 6 18.58 3.13 20.59
CA LEU A 6 17.20 2.93 20.13
C LEU A 6 17.16 1.65 19.31
N ILE A 7 16.15 0.83 19.52
CA ILE A 7 15.93 -0.35 18.70
C ILE A 7 14.68 -0.13 17.86
N VAL A 8 14.80 -0.39 16.56
CA VAL A 8 13.64 -0.30 15.67
C VAL A 8 13.39 -1.69 15.08
N VAL A 9 12.20 -2.22 15.32
CA VAL A 9 11.83 -3.51 14.76
C VAL A 9 11.06 -3.35 13.45
N GLY A 10 11.65 -3.79 12.34
CA GLY A 10 11.02 -3.68 11.04
C GLY A 10 11.60 -2.53 10.23
N SER A 11 11.89 -2.80 8.95
CA SER A 11 12.52 -1.80 8.12
C SER A 11 11.62 -1.36 6.95
N GLY A 12 10.31 -1.31 7.18
CA GLY A 12 9.44 -0.67 6.22
C GLY A 12 9.62 0.84 6.29
N LEU A 13 8.82 1.59 5.55
CA LEU A 13 8.96 3.04 5.53
C LEU A 13 8.79 3.64 6.94
N PHE A 14 7.96 3.03 7.77
CA PHE A 14 7.77 3.59 9.10
C PHE A 14 9.06 3.41 9.90
N GLY A 15 9.56 2.19 9.96
CA GLY A 15 10.79 1.91 10.68
C GLY A 15 11.99 2.71 10.18
N LEU A 16 12.15 2.77 8.88
CA LEU A 16 13.27 3.49 8.30
C LEU A 16 13.22 4.96 8.66
N THR A 17 12.01 5.52 8.66
CA THR A 17 11.87 6.94 8.93
C THR A 17 12.25 7.26 10.37
N VAL A 18 11.73 6.47 11.30
N VAL A 18 11.76 6.47 11.32
CA VAL A 18 12.06 6.67 12.69
CA VAL A 18 12.09 6.76 12.72
C VAL A 18 13.58 6.54 12.90
C VAL A 18 13.56 6.44 13.04
N ALA A 19 14.14 5.47 12.34
CA ALA A 19 15.56 5.18 12.50
C ALA A 19 16.42 6.32 11.96
N GLU A 20 16.11 6.77 10.75
CA GLU A 20 16.90 7.82 10.12
C GLU A 20 16.80 9.14 10.91
N ARG A 21 15.62 9.49 11.39
CA ARG A 21 15.46 10.74 12.14
C ARG A 21 16.26 10.70 13.46
N ALA A 22 16.14 9.61 14.21
CA ALA A 22 16.90 9.48 15.45
C ALA A 22 18.39 9.55 15.16
N ALA A 23 18.81 8.89 14.08
CA ALA A 23 20.23 8.87 13.71
C ALA A 23 20.75 10.25 13.33
N SER A 24 20.01 10.95 12.47
CA SER A 24 20.56 12.16 11.88
C SER A 24 20.20 13.40 12.65
N GLN A 25 19.04 13.39 13.31
CA GLN A 25 18.57 14.59 14.01
C GLN A 25 18.99 14.62 15.47
N LEU A 26 19.10 13.45 16.10
CA LEU A 26 19.47 13.38 17.52
C LEU A 26 20.86 12.80 17.76
N GLY A 27 21.53 12.36 16.68
CA GLY A 27 22.84 11.73 16.79
C GLY A 27 22.81 10.45 17.62
N LYS A 28 21.66 9.76 17.63
CA LYS A 28 21.52 8.50 18.37
C LYS A 28 21.94 7.28 17.56
N LYS A 29 22.55 6.31 18.22
CA LYS A 29 22.84 5.01 17.60
C LYS A 29 21.57 4.16 17.53
N VAL A 30 21.22 3.75 16.31
CA VAL A 30 19.98 3.00 16.14
C VAL A 30 20.29 1.62 15.63
N LEU A 31 19.68 0.63 16.27
CA LEU A 31 19.76 -0.74 15.79
C LEU A 31 18.43 -1.14 15.14
N ILE A 32 18.45 -1.41 13.84
CA ILE A 32 17.27 -1.90 13.12
C ILE A 32 17.31 -3.41 13.06
N VAL A 33 16.23 -4.04 13.50
CA VAL A 33 16.10 -5.49 13.46
C VAL A 33 15.05 -5.84 12.42
N GLU A 34 15.43 -6.62 11.42
CA GLU A 34 14.54 -6.93 10.31
C GLU A 34 14.51 -8.45 10.05
N LYS A 35 13.30 -8.99 10.01
CA LYS A 35 13.09 -10.43 9.86
C LYS A 35 13.43 -10.94 8.46
N ARG A 36 13.20 -10.12 7.45
CA ARG A 36 13.47 -10.54 6.07
C ARG A 36 14.93 -10.36 5.69
N SER A 37 15.24 -10.73 4.45
CA SER A 37 16.62 -10.68 3.96
C SER A 37 17.01 -9.34 3.38
N HIS A 38 16.06 -8.41 3.31
N HIS A 38 16.07 -8.41 3.35
CA HIS A 38 16.31 -7.12 2.69
CA HIS A 38 16.31 -7.12 2.72
C HIS A 38 15.59 -6.00 3.44
C HIS A 38 15.59 -5.99 3.47
N LEU A 39 16.02 -4.76 3.21
CA LEU A 39 15.40 -3.58 3.81
C LEU A 39 14.22 -3.10 2.99
N GLY A 40 13.20 -2.58 3.66
CA GLY A 40 12.19 -1.83 2.95
C GLY A 40 10.78 -2.35 3.09
N GLY A 41 10.61 -3.48 3.75
CA GLY A 41 9.27 -4.04 3.90
C GLY A 41 8.70 -4.34 2.52
N ASN A 42 7.39 -4.19 2.35
CA ASN A 42 6.77 -4.60 1.09
C ASN A 42 7.10 -3.65 -0.06
N ALA A 43 7.65 -2.48 0.26
CA ALA A 43 8.04 -1.53 -0.78
C ALA A 43 9.30 -1.99 -1.52
N TYR A 44 10.04 -2.91 -0.91
CA TYR A 44 11.25 -3.45 -1.53
C TYR A 44 10.98 -3.98 -2.95
N SER A 45 11.84 -3.60 -3.90
CA SER A 45 11.75 -4.12 -5.26
C SER A 45 13.08 -4.75 -5.66
N GLU A 46 13.08 -5.47 -6.78
CA GLU A 46 14.27 -6.20 -7.20
C GLU A 46 14.25 -6.47 -8.69
N ALA A 47 15.41 -6.78 -9.25
CA ALA A 47 15.50 -7.09 -10.68
C ALA A 47 15.03 -8.53 -10.91
N GLU A 48 14.13 -8.70 -11.86
CA GLU A 48 13.74 -10.01 -12.31
C GLU A 48 14.96 -10.57 -13.05
N PRO A 49 15.35 -11.81 -12.72
CA PRO A 49 16.66 -12.36 -13.15
C PRO A 49 16.82 -12.49 -14.67
N GLU A 50 15.79 -13.00 -15.34
CA GLU A 50 15.88 -13.22 -16.78
C GLU A 50 15.97 -11.90 -17.57
N THR A 51 15.19 -10.89 -17.18
CA THR A 51 15.06 -9.66 -17.96
C THR A 51 15.78 -8.44 -17.37
N GLY A 52 16.03 -8.47 -16.06
CA GLY A 52 16.63 -7.32 -15.39
C GLY A 52 15.61 -6.25 -15.01
N ILE A 53 14.35 -6.47 -15.34
CA ILE A 53 13.29 -5.45 -15.11
C ILE A 53 12.99 -5.34 -13.62
N GLU A 54 12.83 -4.11 -13.14
CA GLU A 54 12.50 -3.89 -11.74
C GLU A 54 11.09 -4.36 -11.45
N ILE A 55 10.94 -5.29 -10.51
CA ILE A 55 9.65 -5.84 -10.16
C ILE A 55 9.43 -5.83 -8.65
N HIS A 56 8.18 -6.08 -8.27
CA HIS A 56 7.77 -6.18 -6.87
C HIS A 56 7.18 -7.54 -6.57
N LYS A 57 7.54 -8.11 -5.43
CA LYS A 57 6.96 -9.38 -5.02
C LYS A 57 5.88 -9.21 -3.96
N TYR A 58 5.73 -8.00 -3.46
CA TYR A 58 4.77 -7.76 -2.39
C TYR A 58 3.86 -6.61 -2.77
N GLY A 59 3.52 -6.52 -4.05
CA GLY A 59 2.63 -5.48 -4.54
C GLY A 59 3.38 -4.36 -5.24
N ALA A 60 2.82 -3.88 -6.36
CA ALA A 60 3.43 -2.75 -7.05
C ALA A 60 3.30 -1.52 -6.15
N HIS A 61 4.34 -0.70 -6.10
CA HIS A 61 4.33 0.46 -5.22
C HIS A 61 4.42 1.75 -6.02
N LEU A 62 3.39 2.57 -5.89
N LEU A 62 3.42 2.60 -5.84
CA LEU A 62 3.31 3.86 -6.57
CA LEU A 62 3.33 3.85 -6.56
C LEU A 62 3.38 4.97 -5.53
C LEU A 62 3.34 5.01 -5.58
N PHE A 63 4.33 5.89 -5.69
CA PHE A 63 4.48 6.97 -4.71
C PHE A 63 3.74 8.23 -5.13
N HIS A 64 2.96 8.77 -4.21
CA HIS A 64 2.21 10.00 -4.47
C HIS A 64 1.83 10.67 -3.14
N THR A 65 1.91 12.00 -3.09
CA THR A 65 1.52 12.70 -1.88
C THR A 65 1.24 14.18 -2.15
N SER A 66 0.39 14.76 -1.31
CA SER A 66 0.19 16.21 -1.30
C SER A 66 0.86 16.82 -0.08
N ASN A 67 1.51 15.98 0.71
CA ASN A 67 2.20 16.43 1.93
C ASN A 67 3.61 16.90 1.56
N LYS A 68 3.83 18.21 1.51
CA LYS A 68 5.10 18.74 1.04
C LYS A 68 6.27 18.38 1.96
N ARG A 69 6.00 18.31 3.26
CA ARG A 69 7.03 17.91 4.22
C ARG A 69 7.54 16.53 3.87
N VAL A 70 6.62 15.61 3.60
CA VAL A 70 6.99 14.23 3.26
C VAL A 70 7.70 14.20 1.90
N TRP A 71 7.20 14.95 0.93
CA TRP A 71 7.86 15.02 -0.36
C TRP A 71 9.32 15.52 -0.25
N ASP A 72 9.53 16.61 0.47
CA ASP A 72 10.87 17.15 0.65
C ASP A 72 11.76 16.15 1.38
N TYR A 73 11.20 15.46 2.35
CA TYR A 73 11.92 14.43 3.09
C TYR A 73 12.41 13.28 2.19
N VAL A 74 11.50 12.67 1.42
CA VAL A 74 11.93 11.50 0.65
C VAL A 74 12.93 11.89 -0.41
N ASN A 75 12.87 13.14 -0.87
CA ASN A 75 13.79 13.58 -1.90
C ASN A 75 15.23 13.76 -1.38
N GLN A 76 15.40 13.67 -0.07
CA GLN A 76 16.74 13.67 0.50
C GLN A 76 17.44 12.34 0.19
N PHE A 77 16.65 11.30 -0.11
CA PHE A 77 17.20 9.94 -0.18
C PHE A 77 17.15 9.31 -1.56
N THR A 78 16.32 9.87 -2.43
CA THR A 78 16.26 9.43 -3.82
C THR A 78 15.66 10.55 -4.65
N ALA A 79 16.05 10.60 -5.93
CA ALA A 79 15.32 11.41 -6.90
C ALA A 79 14.15 10.58 -7.41
N PHE A 80 13.12 11.26 -7.95
CA PHE A 80 11.93 10.58 -8.51
C PHE A 80 11.79 10.90 -9.99
N THR A 81 11.33 9.91 -10.76
CA THR A 81 10.99 10.17 -12.16
C THR A 81 9.72 10.98 -12.20
N GLY A 82 9.33 11.44 -13.40
CA GLY A 82 8.06 12.14 -13.55
C GLY A 82 6.89 11.22 -13.90
N TYR A 83 7.01 9.96 -13.50
CA TYR A 83 5.93 8.98 -13.74
C TYR A 83 4.58 9.46 -13.20
N GLN A 84 3.55 9.33 -14.03
CA GLN A 84 2.20 9.63 -13.63
C GLN A 84 1.36 8.40 -13.86
N HIS A 85 0.78 7.86 -12.80
CA HIS A 85 0.04 6.62 -12.92
C HIS A 85 -1.26 6.82 -13.69
N ARG A 86 -1.50 5.93 -14.65
CA ARG A 86 -2.73 5.86 -15.42
C ARG A 86 -3.13 4.37 -15.52
N VAL A 87 -4.43 4.11 -15.42
CA VAL A 87 -4.96 2.74 -15.45
C VAL A 87 -6.04 2.63 -16.54
N PHE A 88 -6.09 1.48 -17.21
CA PHE A 88 -7.18 1.17 -18.13
C PHE A 88 -7.99 -0.01 -17.57
N ALA A 89 -9.25 -0.10 -17.99
CA ALA A 89 -10.18 -1.09 -17.47
C ALA A 89 -10.75 -1.98 -18.59
N MET A 90 -10.42 -3.26 -18.54
CA MET A 90 -10.86 -4.21 -19.58
C MET A 90 -12.25 -4.72 -19.25
N HIS A 91 -13.20 -4.43 -20.14
CA HIS A 91 -14.57 -4.90 -19.97
C HIS A 91 -15.16 -5.36 -21.29
N ASN A 92 -15.64 -6.60 -21.32
CA ASN A 92 -16.22 -7.21 -22.52
C ASN A 92 -15.35 -7.02 -23.78
N GLY A 93 -14.05 -7.26 -23.66
CA GLY A 93 -13.15 -7.18 -24.81
C GLY A 93 -12.69 -5.79 -25.24
N THR A 94 -13.03 -4.75 -24.46
CA THR A 94 -12.59 -3.39 -24.76
C THR A 94 -11.82 -2.81 -23.57
N ALA A 95 -10.71 -2.15 -23.85
CA ALA A 95 -9.96 -1.40 -22.84
C ALA A 95 -10.54 0.00 -22.72
N TYR A 96 -11.18 0.26 -21.60
CA TYR A 96 -11.77 1.58 -21.34
C TYR A 96 -10.78 2.51 -20.65
N GLN A 97 -10.81 3.78 -21.06
CA GLN A 97 -10.22 4.84 -20.26
C GLN A 97 -10.81 4.78 -18.86
N PHE A 98 -9.97 5.10 -17.87
CA PHE A 98 -10.33 4.91 -16.49
C PHE A 98 -9.52 5.91 -15.66
N PRO A 99 -10.06 6.41 -14.53
CA PRO A 99 -11.38 6.17 -13.91
C PRO A 99 -12.52 6.71 -14.76
N MET A 100 -13.75 6.46 -14.31
CA MET A 100 -14.94 6.95 -15.03
C MET A 100 -14.87 8.44 -15.25
N GLY A 101 -15.04 8.85 -16.50
CA GLY A 101 -14.92 10.23 -16.91
C GLY A 101 -15.47 10.33 -18.32
N LEU A 102 -15.29 11.48 -18.97
CA LEU A 102 -15.82 11.67 -20.32
C LEU A 102 -15.34 10.60 -21.30
N GLY A 103 -14.13 10.08 -21.09
CA GLY A 103 -13.58 9.11 -22.02
C GLY A 103 -14.33 7.79 -21.91
N LEU A 104 -14.39 7.24 -20.71
CA LEU A 104 -15.14 5.99 -20.48
C LEU A 104 -16.60 6.15 -20.90
N ILE A 105 -17.19 7.29 -20.55
CA ILE A 105 -18.61 7.54 -20.83
C ILE A 105 -18.87 7.52 -22.35
N ASN A 106 -17.98 8.12 -23.13
CA ASN A 106 -18.10 8.08 -24.57
C ASN A 106 -17.97 6.64 -25.06
N GLN A 107 -16.96 5.93 -24.59
CA GLN A 107 -16.76 4.55 -25.02
C GLN A 107 -17.91 3.63 -24.65
N PHE A 108 -18.44 3.81 -23.45
CA PHE A 108 -19.48 2.93 -22.93
C PHE A 108 -20.87 3.24 -23.46
N PHE A 109 -21.24 4.52 -23.48
CA PHE A 109 -22.58 4.88 -23.91
C PHE A 109 -22.65 5.15 -25.42
N GLY A 110 -21.50 5.21 -26.08
CA GLY A 110 -21.46 5.15 -27.53
C GLY A 110 -21.34 6.45 -28.30
N ARG A 111 -21.33 7.58 -27.61
CA ARG A 111 -21.10 8.86 -28.30
C ARG A 111 -20.61 9.89 -27.30
N TYR A 112 -20.12 11.02 -27.81
CA TYR A 112 -19.51 12.02 -26.95
C TYR A 112 -20.53 12.78 -26.10
N TYR A 113 -20.30 12.80 -24.79
CA TYR A 113 -21.06 13.67 -23.87
C TYR A 113 -20.19 14.84 -23.41
N THR A 114 -20.69 16.06 -23.49
CA THR A 114 -20.01 17.22 -22.92
C THR A 114 -19.99 17.09 -21.40
N PRO A 115 -19.12 17.86 -20.72
CA PRO A 115 -19.15 17.85 -19.25
C PRO A 115 -20.57 18.01 -18.70
N ASP A 116 -21.32 18.99 -19.19
CA ASP A 116 -22.66 19.23 -18.66
C ASP A 116 -23.62 18.12 -19.06
N GLU A 117 -23.48 17.61 -20.28
CA GLU A 117 -24.30 16.47 -20.70
C GLU A 117 -24.00 15.25 -19.87
N ALA A 118 -22.74 15.05 -19.49
CA ALA A 118 -22.39 13.88 -18.70
C ALA A 118 -22.98 14.00 -17.30
N ARG A 119 -22.95 15.20 -16.74
CA ARG A 119 -23.55 15.42 -15.42
C ARG A 119 -25.03 15.02 -15.46
N GLU A 120 -25.71 15.45 -16.51
CA GLU A 120 -27.14 15.16 -16.65
C GLU A 120 -27.36 13.67 -16.87
N LEU A 121 -26.47 13.04 -17.64
CA LEU A 121 -26.54 11.59 -17.84
C LEU A 121 -26.43 10.83 -16.52
N ILE A 122 -25.48 11.24 -15.68
CA ILE A 122 -25.27 10.57 -14.41
C ILE A 122 -26.46 10.78 -13.45
N LYS A 123 -27.02 11.99 -13.47
CA LYS A 123 -28.25 12.27 -12.73
C LYS A 123 -29.39 11.31 -13.13
N GLU A 124 -29.58 11.15 -14.44
CA GLU A 124 -30.60 10.24 -14.96
C GLU A 124 -30.32 8.80 -14.57
N GLN A 125 -29.09 8.37 -14.79
CA GLN A 125 -28.70 7.00 -14.48
C GLN A 125 -28.84 6.66 -13.00
N SER A 126 -28.49 7.61 -12.14
CA SER A 126 -28.44 7.35 -10.69
C SER A 126 -29.73 7.70 -9.97
N ALA A 127 -30.78 8.01 -10.74
CA ALA A 127 -32.05 8.45 -10.17
C ALA A 127 -32.71 7.41 -9.27
N GLU A 128 -32.62 6.14 -9.66
CA GLU A 128 -33.34 5.05 -9.00
C GLU A 128 -33.21 5.01 -7.47
N ILE A 129 -31.98 5.03 -6.98
CA ILE A 129 -31.75 4.97 -5.54
C ILE A 129 -31.11 6.25 -4.99
N ASP A 130 -31.66 6.74 -3.88
N ASP A 130 -31.68 6.76 -3.90
CA ASP A 130 -31.04 7.86 -3.17
CA ASP A 130 -31.07 7.87 -3.16
C ASP A 130 -29.93 7.35 -2.28
C ASP A 130 -29.93 7.35 -2.30
N SER A 131 -28.76 8.01 -2.33
N SER A 131 -28.79 8.03 -2.35
CA SER A 131 -27.61 7.59 -1.55
CA SER A 131 -27.62 7.60 -1.58
C SER A 131 -27.93 7.51 -0.07
C SER A 131 -27.91 7.52 -0.08
N LYS A 132 -28.81 8.38 0.40
CA LYS A 132 -29.16 8.38 1.81
C LYS A 132 -29.83 7.07 2.24
N ASP A 133 -30.40 6.33 1.28
CA ASP A 133 -31.14 5.10 1.56
C ASP A 133 -30.35 3.83 1.33
N ALA A 134 -29.14 3.96 0.78
CA ALA A 134 -28.32 2.79 0.44
C ALA A 134 -27.95 1.99 1.69
N THR A 135 -28.13 0.67 1.63
CA THR A 135 -27.87 -0.18 2.79
C THR A 135 -26.62 -1.06 2.64
N ASN A 136 -26.03 -1.03 1.44
CA ASN A 136 -24.80 -1.77 1.18
C ASN A 136 -24.03 -1.17 -0.01
N LEU A 137 -22.88 -1.75 -0.32
CA LEU A 137 -21.98 -1.19 -1.33
C LEU A 137 -22.67 -1.13 -2.69
N GLU A 138 -23.35 -2.21 -3.04
CA GLU A 138 -24.03 -2.28 -4.32
C GLU A 138 -25.02 -1.15 -4.51
N GLU A 139 -25.88 -0.97 -3.52
CA GLU A 139 -26.88 0.08 -3.56
C GLU A 139 -26.22 1.47 -3.55
N LYS A 140 -25.16 1.62 -2.77
CA LYS A 140 -24.43 2.89 -2.69
C LYS A 140 -23.89 3.27 -4.07
N ALA A 141 -23.22 2.33 -4.73
CA ALA A 141 -22.69 2.55 -6.07
C ALA A 141 -23.80 2.93 -7.05
N ILE A 142 -24.87 2.15 -7.04
CA ILE A 142 -25.98 2.41 -7.97
C ILE A 142 -26.61 3.77 -7.70
N SER A 143 -26.66 4.16 -6.43
CA SER A 143 -27.28 5.43 -6.08
C SER A 143 -26.48 6.61 -6.62
N LEU A 144 -25.21 6.39 -6.98
CA LEU A 144 -24.34 7.47 -7.43
C LEU A 144 -24.12 7.48 -8.95
N ILE A 145 -23.99 6.31 -9.54
CA ILE A 145 -23.69 6.22 -10.97
C ILE A 145 -24.67 5.38 -11.79
N GLY A 146 -25.58 4.66 -11.13
CA GLY A 146 -26.59 3.88 -11.86
C GLY A 146 -26.16 2.44 -12.10
N ARG A 147 -27.12 1.61 -12.51
CA ARG A 147 -26.84 0.18 -12.69
C ARG A 147 -25.92 -0.22 -13.87
N PRO A 148 -26.12 0.38 -15.06
CA PRO A 148 -25.23 -0.03 -16.17
C PRO A 148 -23.74 0.17 -15.84
N LEU A 149 -23.36 1.36 -15.39
CA LEU A 149 -21.97 1.59 -15.01
C LEU A 149 -21.52 0.69 -13.87
N TYR A 150 -22.36 0.58 -12.84
CA TYR A 150 -22.02 -0.28 -11.71
C TYR A 150 -21.77 -1.72 -12.14
N GLU A 151 -22.68 -2.24 -12.96
CA GLU A 151 -22.62 -3.64 -13.37
C GLU A 151 -21.44 -3.93 -14.29
N ALA A 152 -21.01 -2.92 -15.04
CA ALA A 152 -19.91 -3.10 -15.98
C ALA A 152 -18.55 -2.98 -15.30
N PHE A 153 -18.40 -2.02 -14.39
CA PHE A 153 -17.05 -1.65 -13.94
C PHE A 153 -16.80 -1.82 -12.46
N ILE A 154 -17.84 -2.00 -11.67
CA ILE A 154 -17.61 -2.09 -10.24
C ILE A 154 -17.97 -3.44 -9.62
N ARG A 155 -19.06 -4.05 -10.08
CA ARG A 155 -19.62 -5.21 -9.40
C ARG A 155 -18.66 -6.38 -9.30
N ASP A 156 -18.27 -6.95 -10.43
CA ASP A 156 -17.42 -8.15 -10.44
C ASP A 156 -16.01 -7.87 -9.95
N TYR A 157 -15.51 -6.68 -10.23
CA TYR A 157 -14.17 -6.31 -9.80
C TYR A 157 -14.12 -6.32 -8.28
N THR A 158 -15.16 -5.73 -7.67
CA THR A 158 -15.23 -5.63 -6.22
C THR A 158 -15.43 -7.02 -5.60
N ALA A 159 -16.27 -7.83 -6.24
CA ALA A 159 -16.47 -9.22 -5.84
C ALA A 159 -15.14 -9.98 -5.76
N LYS A 160 -14.30 -9.82 -6.79
CA LYS A 160 -12.99 -10.47 -6.81
C LYS A 160 -12.06 -9.90 -5.75
N GLN A 161 -12.13 -8.59 -5.57
CA GLN A 161 -11.26 -7.90 -4.65
C GLN A 161 -11.46 -8.37 -3.20
N TRP A 162 -12.71 -8.57 -2.82
CA TRP A 162 -13.07 -8.86 -1.44
C TRP A 162 -13.58 -10.27 -1.23
N GLN A 163 -13.73 -11.01 -2.33
CA GLN A 163 -14.29 -12.37 -2.28
C GLN A 163 -15.66 -12.36 -1.63
N THR A 164 -16.42 -11.29 -1.87
CA THR A 164 -17.70 -11.06 -1.22
C THR A 164 -18.70 -10.44 -2.21
N ASP A 165 -19.96 -10.85 -2.13
CA ASP A 165 -21.00 -10.15 -2.88
C ASP A 165 -21.09 -8.71 -2.38
N PRO A 166 -21.07 -7.74 -3.29
CA PRO A 166 -21.15 -6.32 -2.90
C PRO A 166 -22.42 -5.99 -2.10
N LYS A 167 -23.46 -6.81 -2.24
N LYS A 167 -23.46 -6.82 -2.23
CA LYS A 167 -24.66 -6.66 -1.42
CA LYS A 167 -24.66 -6.64 -1.42
C LYS A 167 -24.32 -6.83 0.05
C LYS A 167 -24.34 -6.86 0.05
N GLU A 168 -23.21 -7.50 0.33
CA GLU A 168 -22.81 -7.76 1.71
C GLU A 168 -21.63 -6.90 2.17
N LEU A 169 -21.30 -5.89 1.39
CA LEU A 169 -20.24 -4.97 1.78
C LEU A 169 -20.86 -3.66 2.28
N PRO A 170 -20.14 -2.89 3.10
CA PRO A 170 -20.75 -1.69 3.70
C PRO A 170 -20.98 -0.56 2.68
N ALA A 171 -22.10 0.14 2.80
CA ALA A 171 -22.36 1.31 1.96
C ALA A 171 -21.26 2.36 2.15
N GLY A 172 -20.63 2.34 3.32
CA GLY A 172 -19.56 3.27 3.64
C GLY A 172 -18.27 3.05 2.86
N ASN A 173 -18.22 2.01 2.05
CA ASN A 173 -17.03 1.72 1.24
C ASN A 173 -16.89 2.67 0.05
N ILE A 174 -17.99 3.28 -0.36
CA ILE A 174 -17.94 4.36 -1.35
C ILE A 174 -18.42 5.66 -0.71
N THR A 175 -17.59 6.70 -0.76
CA THR A 175 -17.85 7.92 -0.01
C THR A 175 -17.97 9.15 -0.90
N ARG A 176 -17.65 8.99 -2.19
N ARG A 176 -17.69 8.93 -2.18
CA ARG A 176 -17.73 10.12 -3.11
CA ARG A 176 -17.55 9.99 -3.19
C ARG A 176 -17.99 9.64 -4.53
C ARG A 176 -18.22 9.57 -4.49
N LEU A 177 -18.49 10.54 -5.37
CA LEU A 177 -18.85 10.22 -6.75
C LEU A 177 -17.60 9.74 -7.51
N PRO A 178 -17.61 8.50 -7.97
CA PRO A 178 -16.39 8.05 -8.66
C PRO A 178 -16.38 8.40 -10.14
N VAL A 179 -16.81 9.62 -10.48
CA VAL A 179 -16.87 10.04 -11.88
C VAL A 179 -16.26 11.43 -12.04
N ARG A 180 -15.44 11.62 -13.06
CA ARG A 180 -14.96 12.95 -13.42
C ARG A 180 -15.70 13.48 -14.63
N TYR A 181 -15.97 14.78 -14.66
CA TYR A 181 -16.69 15.33 -15.80
C TYR A 181 -15.76 16.03 -16.77
N ASN A 182 -14.59 15.44 -16.99
CA ASN A 182 -13.64 15.95 -17.97
C ASN A 182 -12.85 14.76 -18.51
N PHE A 183 -11.81 15.01 -19.30
CA PHE A 183 -11.05 13.89 -19.86
C PHE A 183 -9.79 13.57 -19.04
N ASP A 184 -9.71 14.08 -17.83
CA ASP A 184 -8.54 13.83 -16.97
C ASP A 184 -8.48 12.37 -16.52
N ASN A 185 -7.49 11.60 -16.98
CA ASN A 185 -7.36 10.22 -16.50
C ASN A 185 -6.10 9.94 -15.67
N ARG A 186 -5.54 10.96 -15.02
CA ARG A 186 -4.60 10.72 -13.93
C ARG A 186 -5.24 9.82 -12.89
N TYR A 187 -4.58 8.74 -12.51
CA TYR A 187 -5.19 7.89 -11.50
C TYR A 187 -5.20 8.56 -10.13
N PHE A 188 -4.12 9.23 -9.78
CA PHE A 188 -4.04 9.84 -8.45
C PHE A 188 -4.31 11.34 -8.53
N ASN A 189 -4.74 11.90 -7.40
CA ASN A 189 -5.07 13.32 -7.29
C ASN A 189 -4.06 14.18 -6.52
N ASP A 190 -2.84 13.67 -6.32
CA ASP A 190 -1.92 14.34 -5.40
C ASP A 190 -0.94 15.26 -6.10
N THR A 191 -0.44 16.24 -5.35
CA THR A 191 0.45 17.28 -5.89
C THR A 191 1.73 16.68 -6.47
N TYR A 192 2.30 15.73 -5.74
CA TYR A 192 3.59 15.16 -6.08
C TYR A 192 3.44 13.70 -6.41
N GLU A 193 4.20 13.24 -7.40
CA GLU A 193 4.07 11.84 -7.80
C GLU A 193 5.32 11.43 -8.57
N GLY A 194 5.75 10.19 -8.43
CA GLY A 194 6.83 9.69 -9.27
C GLY A 194 7.30 8.35 -8.77
N LEU A 195 8.34 7.80 -9.40
CA LEU A 195 8.93 6.54 -8.93
C LEU A 195 10.41 6.77 -8.67
N PRO A 196 10.99 6.02 -7.73
CA PRO A 196 12.42 6.24 -7.44
C PRO A 196 13.26 5.98 -8.69
N VAL A 197 14.13 6.92 -9.05
CA VAL A 197 14.89 6.83 -10.29
C VAL A 197 15.73 5.56 -10.38
N ASP A 198 16.34 5.18 -9.26
CA ASP A 198 17.17 3.97 -9.25
C ASP A 198 16.49 2.79 -8.55
N GLY A 199 15.17 2.86 -8.40
CA GLY A 199 14.43 1.75 -7.85
C GLY A 199 14.21 1.88 -6.35
N TYR A 200 13.27 1.12 -5.82
CA TYR A 200 12.93 1.18 -4.40
C TYR A 200 14.04 0.64 -3.50
N ALA A 201 14.68 -0.44 -3.93
CA ALA A 201 15.75 -1.03 -3.12
C ALA A 201 16.84 -0.02 -2.81
N GLN A 202 17.25 0.77 -3.80
CA GLN A 202 18.30 1.77 -3.58
C GLN A 202 17.83 2.89 -2.66
N TRP A 203 16.64 3.42 -2.91
CA TRP A 203 16.08 4.46 -2.03
C TRP A 203 16.05 4.00 -0.56
N LEU A 204 15.47 2.84 -0.31
CA LEU A 204 15.23 2.39 1.05
C LEU A 204 16.55 2.06 1.75
N SER A 205 17.49 1.50 1.00
N SER A 205 17.48 1.49 0.99
CA SER A 205 18.83 1.25 1.53
CA SER A 205 18.82 1.24 1.50
C SER A 205 19.54 2.55 1.89
C SER A 205 19.51 2.55 1.89
N ASN A 206 19.35 3.58 1.05
CA ASN A 206 19.90 4.90 1.35
C ASN A 206 19.38 5.51 2.64
N MET A 207 18.11 5.27 2.96
CA MET A 207 17.54 5.78 4.21
C MET A 207 18.27 5.20 5.41
N ALA A 208 18.64 3.93 5.34
CA ALA A 208 19.31 3.29 6.47
C ALA A 208 20.84 3.42 6.42
N ASP A 209 21.34 4.06 5.37
CA ASP A 209 22.79 4.23 5.20
C ASP A 209 23.26 5.44 5.98
N HIS A 210 23.66 5.21 7.21
CA HIS A 210 24.05 6.31 8.10
C HIS A 210 25.04 5.76 9.10
N GLU A 211 26.06 6.54 9.45
CA GLU A 211 27.10 6.08 10.37
C GLU A 211 26.50 5.64 11.71
N ASN A 212 25.35 6.20 12.08
CA ASN A 212 24.71 5.87 13.35
C ASN A 212 23.74 4.70 13.30
N ILE A 213 23.54 4.12 12.12
CA ILE A 213 22.55 3.06 11.99
C ILE A 213 23.22 1.69 11.80
N GLU A 214 22.82 0.73 12.63
CA GLU A 214 23.23 -0.67 12.48
C GLU A 214 22.03 -1.46 11.98
N VAL A 215 22.25 -2.32 11.00
CA VAL A 215 21.17 -3.13 10.44
C VAL A 215 21.45 -4.61 10.61
N ARG A 216 20.49 -5.31 11.22
CA ARG A 216 20.57 -6.77 11.31
C ARG A 216 19.39 -7.40 10.58
N LEU A 217 19.67 -7.91 9.38
CA LEU A 217 18.67 -8.61 8.58
C LEU A 217 18.56 -10.05 9.04
N ASP A 218 17.58 -10.77 8.48
CA ASP A 218 17.35 -12.17 8.82
C ASP A 218 17.25 -12.40 10.31
N THR A 219 16.66 -11.44 11.02
CA THR A 219 16.59 -11.47 12.46
C THR A 219 15.18 -11.19 12.95
N ASP A 220 14.60 -12.16 13.67
CA ASP A 220 13.28 -12.00 14.26
C ASP A 220 13.37 -11.41 15.66
N TRP A 221 12.77 -10.24 15.86
CA TRP A 221 12.76 -9.57 17.16
C TRP A 221 12.46 -10.51 18.33
N PHE A 222 11.49 -11.41 18.17
CA PHE A 222 11.09 -12.23 19.31
C PHE A 222 12.13 -13.29 19.66
N GLU A 223 13.04 -13.56 18.72
N GLU A 223 13.04 -13.61 18.74
CA GLU A 223 14.11 -14.52 18.96
CA GLU A 223 14.12 -14.54 19.06
C GLU A 223 15.33 -13.89 19.63
C GLU A 223 15.22 -13.82 19.86
N VAL A 224 15.51 -12.58 19.47
CA VAL A 224 16.66 -11.88 20.03
C VAL A 224 16.35 -10.83 21.11
N ARG A 225 15.08 -10.55 21.39
CA ARG A 225 14.75 -9.37 22.20
C ARG A 225 15.27 -9.37 23.64
N GLU A 226 15.25 -10.52 24.31
N GLU A 226 15.27 -10.53 24.31
CA GLU A 226 15.74 -10.56 25.69
CA GLU A 226 15.72 -10.55 25.70
C GLU A 226 17.21 -10.19 25.73
C GLU A 226 17.22 -10.25 25.76
N ASP A 227 17.98 -10.75 24.80
CA ASP A 227 19.41 -10.47 24.72
C ASP A 227 19.67 -8.99 24.41
N LEU A 228 19.01 -8.47 23.38
CA LEU A 228 19.26 -7.09 22.98
C LEU A 228 18.94 -6.09 24.08
N ARG A 229 17.76 -6.22 24.69
CA ARG A 229 17.37 -5.25 25.70
C ARG A 229 18.29 -5.35 26.93
N ALA A 230 18.78 -6.54 27.23
CA ALA A 230 19.70 -6.73 28.35
C ALA A 230 21.03 -5.97 28.15
N GLN A 231 21.37 -5.67 26.90
CA GLN A 231 22.58 -4.90 26.62
C GLN A 231 22.42 -3.45 27.03
N ASN A 232 21.19 -2.94 26.95
CA ASN A 232 20.91 -1.56 27.29
C ASN A 232 19.43 -1.41 27.60
N PRO A 233 19.03 -1.75 28.84
CA PRO A 233 17.63 -1.81 29.25
C PRO A 233 16.82 -0.54 29.02
N GLU A 234 17.48 0.61 29.08
N GLU A 234 17.48 0.61 29.10
CA GLU A 234 16.76 1.88 29.01
CA GLU A 234 16.76 1.88 29.01
C GLU A 234 16.61 2.40 27.58
C GLU A 234 16.44 2.27 27.56
N ALA A 235 17.13 1.65 26.60
CA ALA A 235 16.91 1.97 25.20
C ALA A 235 15.46 1.63 24.79
N PRO A 236 14.73 2.63 24.29
CA PRO A 236 13.35 2.34 23.84
C PRO A 236 13.32 1.49 22.58
N VAL A 237 12.15 0.91 22.32
CA VAL A 237 11.91 0.08 21.16
C VAL A 237 10.75 0.66 20.35
N VAL A 238 10.94 0.84 19.04
CA VAL A 238 9.83 1.11 18.14
C VAL A 238 9.50 -0.16 17.37
N TYR A 239 8.31 -0.69 17.63
CA TYR A 239 7.90 -1.97 17.08
C TYR A 239 6.92 -1.82 15.93
N THR A 240 7.27 -2.35 14.75
CA THR A 240 6.35 -2.23 13.61
C THR A 240 5.98 -3.60 13.08
N GLY A 241 6.15 -4.63 13.91
CA GLY A 241 5.66 -5.95 13.58
C GLY A 241 4.17 -6.07 13.91
N PRO A 242 3.60 -7.27 13.73
CA PRO A 242 2.17 -7.51 14.00
C PRO A 242 1.79 -7.23 15.46
N LEU A 243 0.75 -6.41 15.64
CA LEU A 243 0.27 -6.04 16.96
C LEU A 243 -0.24 -7.23 17.78
N ASP A 244 -1.05 -8.09 17.18
CA ASP A 244 -1.63 -9.21 17.93
C ASP A 244 -0.57 -10.25 18.28
N ARG A 245 0.31 -10.55 17.33
CA ARG A 245 1.43 -11.46 17.56
C ARG A 245 2.32 -11.02 18.73
N TYR A 246 2.49 -9.71 18.90
CA TYR A 246 3.34 -9.18 19.96
C TYR A 246 2.83 -9.65 21.33
N PHE A 247 1.51 -9.63 21.48
CA PHE A 247 0.87 -10.03 22.73
C PHE A 247 0.35 -11.46 22.67
N ASP A 248 1.07 -12.30 21.93
CA ASP A 248 0.83 -13.74 21.83
C ASP A 248 -0.62 -14.09 21.51
N TYR A 249 -1.25 -13.25 20.70
CA TYR A 249 -2.65 -13.44 20.29
C TYR A 249 -3.58 -13.63 21.48
N SER A 250 -3.24 -13.00 22.60
CA SER A 250 -4.01 -13.15 23.83
C SER A 250 -5.47 -12.76 23.68
N GLU A 251 -5.78 -11.92 22.68
CA GLU A 251 -7.15 -11.49 22.46
C GLU A 251 -7.70 -12.01 21.13
N GLY A 252 -6.97 -12.94 20.51
CA GLY A 252 -7.37 -13.50 19.23
C GLY A 252 -6.57 -12.98 18.04
N HIS A 253 -6.88 -13.51 16.87
CA HIS A 253 -6.15 -13.16 15.65
C HIS A 253 -6.87 -12.08 14.85
N LEU A 254 -6.19 -10.97 14.61
CA LEU A 254 -6.74 -9.92 13.76
C LEU A 254 -6.83 -10.44 12.33
N GLY A 255 -7.87 -10.02 11.62
CA GLY A 255 -8.13 -10.53 10.28
C GLY A 255 -7.55 -9.67 9.18
N TRP A 256 -6.84 -10.31 8.26
CA TRP A 256 -6.22 -9.61 7.14
C TRP A 256 -6.57 -10.25 5.80
N ARG A 257 -6.57 -9.44 4.76
CA ARG A 257 -6.62 -9.92 3.38
C ARG A 257 -5.19 -10.13 2.87
N THR A 258 -4.97 -11.15 2.06
CA THR A 258 -3.67 -11.31 1.41
C THR A 258 -3.84 -11.29 -0.11
N LEU A 259 -2.71 -11.26 -0.82
CA LEU A 259 -2.70 -11.31 -2.27
C LEU A 259 -1.74 -12.39 -2.72
N ASP A 260 -2.15 -13.16 -3.72
CA ASP A 260 -1.25 -14.07 -4.44
C ASP A 260 -0.81 -13.41 -5.74
N PHE A 261 0.51 -13.35 -5.96
CA PHE A 261 1.00 -12.78 -7.20
C PHE A 261 1.59 -13.87 -8.10
N GLU A 262 1.06 -13.96 -9.33
N GLU A 262 1.07 -13.98 -9.32
CA GLU A 262 1.55 -14.89 -10.34
CA GLU A 262 1.62 -14.94 -10.27
C GLU A 262 2.37 -14.12 -11.35
C GLU A 262 2.36 -14.19 -11.37
N THR A 263 3.68 -14.37 -11.38
CA THR A 263 4.56 -13.65 -12.28
C THR A 263 5.01 -14.51 -13.45
N GLU A 264 5.00 -13.93 -14.66
CA GLU A 264 5.41 -14.63 -15.87
C GLU A 264 6.34 -13.77 -16.71
N VAL A 265 7.36 -14.40 -17.29
CA VAL A 265 8.16 -13.74 -18.31
C VAL A 265 7.66 -14.20 -19.67
N LEU A 266 7.19 -13.26 -20.48
CA LEU A 266 6.63 -13.59 -21.77
C LEU A 266 7.60 -13.24 -22.89
N ASN A 267 7.50 -13.95 -24.01
CA ASN A 267 8.41 -13.72 -25.13
C ASN A 267 7.87 -12.67 -26.09
N THR A 268 7.50 -11.52 -25.55
CA THR A 268 7.23 -10.34 -26.35
C THR A 268 7.79 -9.14 -25.60
N GLY A 269 8.16 -8.10 -26.34
CA GLY A 269 8.68 -6.89 -25.70
C GLY A 269 7.58 -6.03 -25.09
N ASP A 270 6.33 -6.29 -25.45
CA ASP A 270 5.21 -5.49 -24.92
C ASP A 270 3.89 -6.25 -24.90
N PHE A 271 3.40 -6.57 -23.70
CA PHE A 271 2.22 -7.42 -23.56
C PHE A 271 0.91 -6.63 -23.67
N GLN A 272 0.86 -5.45 -23.05
CA GLN A 272 -0.41 -4.69 -23.02
C GLN A 272 -0.25 -3.18 -23.23
N GLY A 273 0.98 -2.71 -23.44
CA GLY A 273 1.19 -1.30 -23.82
C GLY A 273 0.89 -0.26 -22.75
N THR A 274 0.81 -0.71 -21.50
CA THR A 274 0.48 0.19 -20.38
C THR A 274 0.85 -0.57 -19.09
N PRO A 275 1.17 0.15 -17.99
CA PRO A 275 1.61 -0.55 -16.78
C PRO A 275 0.53 -1.42 -16.14
N VAL A 276 -0.71 -0.99 -16.18
CA VAL A 276 -1.76 -1.71 -15.46
C VAL A 276 -3.06 -1.78 -16.23
N MET A 277 -3.57 -3.00 -16.38
CA MET A 277 -4.86 -3.23 -16.98
C MET A 277 -5.73 -3.92 -15.95
N ASN A 278 -6.81 -3.27 -15.52
CA ASN A 278 -7.78 -3.89 -14.64
C ASN A 278 -8.60 -4.86 -15.48
N TYR A 279 -8.95 -6.01 -14.90
CA TYR A 279 -9.88 -6.93 -15.55
C TYR A 279 -11.20 -6.93 -14.78
N ASN A 280 -12.17 -6.18 -15.29
CA ASN A 280 -13.39 -5.94 -14.52
C ASN A 280 -14.41 -7.07 -14.56
N ASP A 281 -14.22 -8.05 -15.44
CA ASP A 281 -15.22 -9.11 -15.66
C ASP A 281 -14.96 -10.36 -14.83
N ALA A 282 -16.05 -11.03 -14.43
CA ALA A 282 -15.95 -12.19 -13.56
C ALA A 282 -15.17 -13.35 -14.19
N GLU A 283 -15.18 -13.43 -15.52
CA GLU A 283 -14.56 -14.59 -16.19
C GLU A 283 -13.05 -14.65 -15.97
N PHE A 284 -12.45 -13.51 -15.63
CA PHE A 284 -11.02 -13.51 -15.31
C PHE A 284 -10.86 -13.54 -13.80
N PRO A 285 -10.09 -14.52 -13.30
CA PRO A 285 -9.97 -14.73 -11.85
C PRO A 285 -9.14 -13.63 -11.17
N TYR A 286 -8.19 -13.07 -11.92
CA TYR A 286 -7.34 -12.02 -11.37
C TYR A 286 -8.00 -10.65 -11.50
N THR A 287 -7.66 -9.72 -10.62
CA THR A 287 -8.24 -8.38 -10.67
C THR A 287 -7.59 -7.51 -11.72
N ARG A 288 -6.29 -7.69 -11.92
CA ARG A 288 -5.54 -6.88 -12.87
C ARG A 288 -4.19 -7.50 -13.24
N ILE A 289 -3.62 -6.99 -14.32
CA ILE A 289 -2.29 -7.40 -14.75
C ILE A 289 -1.37 -6.20 -14.74
N HIS A 290 -0.24 -6.34 -14.07
CA HIS A 290 0.83 -5.34 -14.10
C HIS A 290 1.86 -5.76 -15.13
N GLU A 291 2.30 -4.83 -15.97
CA GLU A 291 3.45 -5.10 -16.84
C GLU A 291 4.57 -4.16 -16.44
N PHE A 292 5.55 -4.69 -15.72
CA PHE A 292 6.43 -3.84 -14.92
C PHE A 292 7.34 -2.91 -15.70
N ARG A 293 7.70 -3.28 -16.93
CA ARG A 293 8.65 -2.46 -17.67
C ARG A 293 8.08 -1.06 -17.93
N HIS A 294 6.76 -0.96 -18.04
CA HIS A 294 6.14 0.33 -18.40
C HIS A 294 6.11 1.32 -17.24
N PHE A 295 6.48 0.89 -16.04
CA PHE A 295 6.63 1.83 -14.92
C PHE A 295 7.89 2.66 -15.07
N HIS A 296 8.84 2.18 -15.88
CA HIS A 296 10.11 2.87 -16.06
C HIS A 296 10.50 2.98 -17.54
N PRO A 297 9.71 3.72 -18.32
CA PRO A 297 9.98 3.83 -19.75
C PRO A 297 11.32 4.48 -20.04
N GLU A 298 11.86 5.23 -19.09
CA GLU A 298 13.12 5.91 -19.29
C GLU A 298 14.27 4.88 -19.34
N ARG A 299 13.98 3.65 -18.94
CA ARG A 299 14.97 2.56 -18.97
C ARG A 299 14.84 1.63 -20.19
N GLU A 300 14.11 2.07 -21.21
CA GLU A 300 13.75 1.15 -22.30
C GLU A 300 14.91 0.52 -23.06
N ASP A 301 16.07 1.17 -23.11
CA ASP A 301 17.17 0.55 -23.85
C ASP A 301 18.00 -0.37 -22.98
N ARG A 302 17.63 -0.48 -21.70
CA ARG A 302 18.22 -1.47 -20.80
C ARG A 302 17.30 -2.67 -20.66
N HIS A 303 16.05 -2.49 -21.03
CA HIS A 303 15.07 -3.56 -21.00
C HIS A 303 15.25 -4.44 -22.24
N PRO A 304 14.90 -5.72 -22.15
CA PRO A 304 15.04 -6.59 -23.33
C PRO A 304 14.05 -6.20 -24.42
N LYS A 305 14.44 -6.43 -25.67
CA LYS A 305 13.63 -6.02 -26.80
C LYS A 305 12.45 -6.96 -27.03
N ASP A 306 12.59 -8.21 -26.61
CA ASP A 306 11.58 -9.23 -26.92
C ASP A 306 11.10 -10.02 -25.72
N LYS A 307 11.32 -9.49 -24.53
CA LYS A 307 10.78 -10.13 -23.34
C LYS A 307 10.13 -9.09 -22.42
N THR A 308 9.16 -9.53 -21.63
CA THR A 308 8.53 -8.65 -20.67
C THR A 308 8.03 -9.46 -19.48
N VAL A 309 8.02 -8.85 -18.29
N VAL A 309 8.03 -8.84 -18.30
CA VAL A 309 7.51 -9.55 -17.12
CA VAL A 309 7.50 -9.49 -17.11
C VAL A 309 6.16 -8.98 -16.71
C VAL A 309 6.12 -8.95 -16.79
N ILE A 310 5.16 -9.85 -16.61
CA ILE A 310 3.83 -9.45 -16.18
C ILE A 310 3.46 -10.18 -14.91
N MET A 311 2.47 -9.65 -14.21
N MET A 311 2.46 -9.65 -14.22
CA MET A 311 2.02 -10.21 -12.96
CA MET A 311 2.04 -10.24 -12.96
C MET A 311 0.51 -10.16 -12.83
C MET A 311 0.53 -10.16 -12.81
N LYS A 312 -0.07 -11.27 -12.42
CA LYS A 312 -1.50 -11.34 -12.15
C LYS A 312 -1.72 -11.39 -10.65
N GLU A 313 -2.83 -10.84 -10.22
CA GLU A 313 -3.10 -10.60 -8.82
C GLU A 313 -4.37 -11.32 -8.37
N TYR A 314 -4.30 -12.06 -7.27
CA TYR A 314 -5.47 -12.76 -6.73
C TYR A 314 -5.62 -12.47 -5.27
N SER A 315 -6.83 -12.14 -4.87
CA SER A 315 -7.10 -11.79 -3.49
C SER A 315 -7.80 -12.91 -2.74
N ARG A 316 -7.47 -13.05 -1.45
CA ARG A 316 -8.15 -14.01 -0.57
C ARG A 316 -7.84 -13.72 0.89
N PHE A 317 -8.45 -14.48 1.79
CA PHE A 317 -8.23 -14.32 3.22
C PHE A 317 -6.82 -14.74 3.61
N ALA A 318 -6.16 -13.94 4.45
CA ALA A 318 -4.80 -14.26 4.87
C ALA A 318 -4.80 -15.35 5.94
N GLU A 319 -4.29 -16.52 5.58
CA GLU A 319 -4.19 -17.62 6.52
C GLU A 319 -2.75 -17.70 7.03
N GLU A 320 -2.48 -18.63 7.94
N GLU A 320 -2.48 -18.63 7.94
CA GLU A 320 -1.15 -18.73 8.53
CA GLU A 320 -1.14 -18.80 8.52
C GLU A 320 -0.11 -19.01 7.46
C GLU A 320 -0.11 -19.00 7.42
N GLY A 321 0.98 -18.25 7.49
CA GLY A 321 2.01 -18.33 6.46
C GLY A 321 1.85 -17.29 5.37
N ASP A 322 0.63 -16.80 5.17
CA ASP A 322 0.37 -15.77 4.15
C ASP A 322 0.81 -14.39 4.65
N GLU A 323 1.35 -13.57 3.75
CA GLU A 323 1.64 -12.19 4.10
C GLU A 323 0.34 -11.42 4.30
N PRO A 324 0.15 -10.84 5.49
CA PRO A 324 -1.05 -10.02 5.74
C PRO A 324 -0.88 -8.66 5.11
N TYR A 325 -1.82 -8.26 4.25
CA TYR A 325 -1.67 -7.02 3.50
C TYR A 325 -2.67 -5.95 3.91
N TYR A 326 -3.96 -6.29 3.89
CA TYR A 326 -5.02 -5.32 4.20
C TYR A 326 -5.90 -5.77 5.36
N PRO A 327 -6.05 -4.91 6.39
CA PRO A 327 -6.91 -5.25 7.53
C PRO A 327 -8.36 -5.40 7.04
N ILE A 328 -9.04 -6.43 7.51
CA ILE A 328 -10.41 -6.70 7.06
C ILE A 328 -11.39 -5.77 7.78
N ASN A 329 -11.15 -5.54 9.07
CA ASN A 329 -11.93 -4.61 9.87
C ASN A 329 -13.41 -4.99 10.05
N THR A 330 -13.68 -6.26 10.32
CA THR A 330 -15.01 -6.65 10.77
C THR A 330 -15.21 -6.04 12.14
N PRO A 331 -16.48 -5.89 12.59
CA PRO A 331 -16.70 -5.40 13.95
C PRO A 331 -15.93 -6.20 15.01
N SER A 332 -15.78 -7.50 14.80
CA SER A 332 -14.99 -8.34 15.71
C SER A 332 -13.53 -7.90 15.70
N ASP A 333 -13.03 -7.57 14.53
CA ASP A 333 -11.66 -7.10 14.39
C ASP A 333 -11.50 -5.78 15.12
N ARG A 334 -12.45 -4.87 14.94
CA ARG A 334 -12.43 -3.59 15.64
C ARG A 334 -12.49 -3.81 17.14
N GLU A 335 -13.17 -4.88 17.55
CA GLU A 335 -13.28 -5.24 18.96
C GLU A 335 -11.94 -5.57 19.56
N MET A 336 -11.25 -6.56 18.99
CA MET A 336 -10.01 -7.00 19.62
C MET A 336 -8.90 -5.95 19.39
N LEU A 337 -8.99 -5.19 18.30
CA LEU A 337 -8.05 -4.09 18.10
C LEU A 337 -8.10 -3.12 19.26
N PHE A 338 -9.31 -2.75 19.68
CA PHE A 338 -9.49 -1.86 20.83
C PHE A 338 -8.81 -2.45 22.07
N LYS A 339 -8.89 -3.77 22.22
CA LYS A 339 -8.25 -4.44 23.36
C LYS A 339 -6.74 -4.47 23.23
N TYR A 340 -6.25 -4.56 22.00
CA TYR A 340 -4.81 -4.61 21.78
C TYR A 340 -4.20 -3.23 21.97
N ARG A 341 -4.97 -2.19 21.63
CA ARG A 341 -4.51 -0.82 21.83
C ARG A 341 -4.27 -0.54 23.31
N GLU A 342 -5.12 -1.11 24.17
CA GLU A 342 -4.96 -0.97 25.60
C GLU A 342 -3.69 -1.63 26.09
N LEU A 343 -3.49 -2.87 25.66
CA LEU A 343 -2.29 -3.62 25.99
C LEU A 343 -1.04 -2.89 25.50
N ALA A 344 -1.07 -2.44 24.26
CA ALA A 344 0.07 -1.73 23.68
C ALA A 344 0.41 -0.49 24.50
N ASP A 345 -0.60 0.31 24.84
CA ASP A 345 -0.37 1.54 25.58
C ASP A 345 0.23 1.27 26.95
N ALA A 346 -0.18 0.16 27.56
CA ALA A 346 0.39 -0.27 28.82
C ALA A 346 1.87 -0.63 28.63
N GLU A 347 2.15 -1.29 27.51
CA GLU A 347 3.50 -1.73 27.20
C GLU A 347 4.42 -0.53 26.93
N THR A 348 3.88 0.52 26.33
CA THR A 348 4.65 1.74 26.09
C THR A 348 5.01 2.37 27.44
N GLU A 349 4.09 2.32 28.39
CA GLU A 349 4.33 2.93 29.69
C GLU A 349 5.32 2.13 30.52
N SER A 350 5.13 0.81 30.56
CA SER A 350 5.98 -0.03 31.41
C SER A 350 7.30 -0.46 30.75
N GLY A 351 7.34 -0.53 29.42
CA GLY A 351 8.48 -1.11 28.74
C GLY A 351 9.19 -0.26 27.70
N LYS A 352 8.71 0.96 27.49
CA LYS A 352 9.25 1.87 26.49
C LYS A 352 9.23 1.26 25.10
N VAL A 353 8.17 0.51 24.80
CA VAL A 353 7.96 -0.04 23.48
C VAL A 353 6.83 0.69 22.78
N TYR A 354 7.16 1.36 21.69
CA TYR A 354 6.21 2.14 20.92
C TYR A 354 5.70 1.33 19.73
N PHE A 355 4.43 1.49 19.40
CA PHE A 355 3.83 0.68 18.34
C PHE A 355 3.46 1.57 17.16
N GLY A 356 3.89 1.20 15.95
CA GLY A 356 3.63 2.00 14.78
C GLY A 356 3.66 1.20 13.49
N GLY A 357 3.29 1.86 12.39
CA GLY A 357 3.29 1.22 11.09
C GLY A 357 2.05 0.39 10.83
N ARG A 358 1.99 -0.18 9.63
CA ARG A 358 0.83 -0.91 9.15
C ARG A 358 0.48 -2.10 10.04
N LEU A 359 1.46 -2.98 10.26
CA LEU A 359 1.26 -4.16 11.09
C LEU A 359 1.12 -3.81 12.57
N GLY A 360 1.89 -2.82 13.02
CA GLY A 360 1.90 -2.46 14.42
C GLY A 360 0.63 -1.79 14.91
N THR A 361 -0.17 -1.26 13.99
CA THR A 361 -1.38 -0.54 14.38
C THR A 361 -2.64 -1.08 13.71
N TYR A 362 -2.51 -2.16 12.94
CA TYR A 362 -3.63 -2.75 12.20
C TYR A 362 -4.29 -1.71 11.31
N GLN A 363 -3.50 -1.02 10.51
CA GLN A 363 -4.06 0.00 9.62
C GLN A 363 -3.28 0.05 8.34
N TYR A 364 -3.98 -0.10 7.20
CA TYR A 364 -3.29 0.04 5.93
C TYR A 364 -2.72 1.45 5.86
N LEU A 365 -1.46 1.58 5.47
CA LEU A 365 -0.84 2.88 5.32
C LEU A 365 -0.07 2.94 4.01
N ASP A 366 -0.38 3.91 3.16
CA ASP A 366 0.46 4.20 2.00
C ASP A 366 1.84 4.66 2.50
N MET A 367 2.82 4.66 1.60
CA MET A 367 4.17 5.04 1.97
C MET A 367 4.23 6.43 2.58
N HIS A 368 3.59 7.41 1.95
CA HIS A 368 3.66 8.77 2.46
C HIS A 368 2.96 8.94 3.82
N MET A 369 1.97 8.07 4.07
CA MET A 369 1.20 8.14 5.29
C MET A 369 1.96 7.48 6.43
N ALA A 370 2.70 6.41 6.11
CA ALA A 370 3.59 5.76 7.07
C ALA A 370 4.71 6.72 7.47
N ILE A 371 5.29 7.39 6.47
CA ILE A 371 6.34 8.36 6.73
C ILE A 371 5.81 9.50 7.60
N ALA A 372 4.65 10.03 7.24
CA ALA A 372 4.05 11.10 8.02
C ALA A 372 3.80 10.65 9.47
N SER A 373 3.33 9.42 9.61
CA SER A 373 3.03 8.87 10.93
C SER A 373 4.31 8.69 11.75
N ALA A 374 5.38 8.24 11.09
CA ALA A 374 6.68 8.09 11.77
C ALA A 374 7.29 9.44 12.15
N LEU A 375 7.14 10.43 11.28
CA LEU A 375 7.64 11.77 11.60
C LEU A 375 6.93 12.32 12.83
N SER A 376 5.64 12.03 12.93
N SER A 376 5.64 12.02 12.95
CA SER A 376 4.85 12.47 14.07
CA SER A 376 4.86 12.50 14.09
C SER A 376 5.32 11.79 15.35
C SER A 376 5.24 11.77 15.38
N MET A 377 5.44 10.47 15.30
CA MET A 377 5.90 9.70 16.46
C MET A 377 7.28 10.20 16.90
N PHE A 378 8.17 10.39 15.92
CA PHE A 378 9.49 10.91 16.24
C PHE A 378 9.38 12.25 16.95
N ASP A 379 8.66 13.20 16.35
CA ASP A 379 8.53 14.54 16.89
C ASP A 379 7.88 14.55 18.27
N ASN A 380 6.77 13.82 18.40
CA ASN A 380 5.90 13.96 19.55
C ASN A 380 6.17 12.96 20.67
N LYS A 381 6.88 11.87 20.36
CA LYS A 381 7.16 10.85 21.38
C LYS A 381 8.65 10.56 21.58
N LEU A 382 9.38 10.37 20.50
CA LEU A 382 10.72 9.76 20.62
C LEU A 382 11.79 10.76 21.04
N VAL A 383 11.69 12.00 20.58
CA VAL A 383 12.61 13.06 20.99
C VAL A 383 12.66 13.16 22.53
N ASP A 384 11.49 13.14 23.16
CA ASP A 384 11.42 13.16 24.62
C ASP A 384 11.96 11.85 25.21
N ALA A 385 11.58 10.72 24.63
CA ALA A 385 11.96 9.43 25.18
C ALA A 385 13.45 9.16 25.07
N LEU A 386 14.13 9.84 24.16
CA LEU A 386 15.55 9.59 23.94
C LEU A 386 16.43 10.60 24.70
N LYS A 387 15.82 11.53 25.41
CA LYS A 387 16.58 12.47 26.24
C LYS A 387 16.88 11.90 27.62
PA FAD B . 5.93 -2.79 6.23
O1A FAD B . 6.23 -2.49 4.76
O2A FAD B . 5.06 -4.03 6.33
O5B FAD B . 7.27 -3.08 7.02
C5B FAD B . 7.23 -3.87 8.20
C4B FAD B . 8.53 -4.55 8.37
O4B FAD B . 8.57 -5.13 9.71
C3B FAD B . 8.65 -5.67 7.44
O3B FAD B . 9.88 -5.54 6.71
C2B FAD B . 8.66 -6.87 8.25
O2B FAD B . 9.49 -7.89 7.70
C1B FAD B . 9.21 -6.42 9.53
N9A FAD B . 8.90 -7.29 10.59
C8A FAD B . 7.69 -7.85 10.89
N7A FAD B . 7.81 -8.63 11.98
C5A FAD B . 9.10 -8.59 12.41
C6A FAD B . 9.79 -9.19 13.44
N6A FAD B . 9.10 -10.08 14.36
N1A FAD B . 11.08 -8.96 13.61
C2A FAD B . 11.75 -8.15 12.78
N3A FAD B . 11.11 -7.55 11.73
C4A FAD B . 9.82 -7.75 11.53
N1 FAD B . 2.04 2.36 -0.46
C2 FAD B . 2.05 3.44 -1.46
O2 FAD B . 2.34 4.59 -1.11
N3 FAD B . 1.75 3.15 -2.84
C4 FAD B . 1.41 1.87 -3.23
O4 FAD B . 1.15 1.63 -4.41
C4X FAD B . 1.39 0.79 -2.27
N5 FAD B . 1.08 -0.46 -2.65
C5X FAD B . 1.06 -1.53 -1.65
C6 FAD B . 0.72 -2.85 -2.05
C7 FAD B . 0.70 -3.86 -1.10
C7M FAD B . 0.33 -5.27 -1.53
C8 FAD B . 1.01 -3.57 0.22
C8M FAD B . 1.01 -4.61 1.28
C9 FAD B . 1.34 -2.27 0.62
C9A FAD B . 1.37 -1.26 -0.31
N10 FAD B . 1.71 0.06 0.07
C10 FAD B . 1.74 1.11 -0.85
C1' FAD B . 2.05 0.36 1.48
C2' FAD B . 3.56 0.39 1.71
O2' FAD B . 4.16 -0.85 1.61
C3' FAD B . 3.94 1.07 3.00
O3' FAD B . 5.25 1.44 2.97
C4' FAD B . 3.77 0.22 4.25
O4' FAD B . 2.43 -0.06 4.46
C5' FAD B . 4.35 1.05 5.35
O5' FAD B . 4.10 0.56 6.64
P FAD B . 5.24 -0.23 7.42
O1P FAD B . 6.58 0.41 7.29
O2P FAD B . 4.83 -0.29 8.85
O3P FAD B . 5.04 -1.69 6.88
C1 EDO C . 6.19 0.26 -9.94
O1 EDO C . 5.58 -0.73 -9.15
C2 EDO C . 7.66 -0.06 -10.03
O2 EDO C . 8.22 0.28 -8.79
C1 EDO D . -0.25 -15.19 -20.87
O1 EDO D . -0.34 -16.04 -19.74
C2 EDO D . -0.94 -13.89 -20.55
O2 EDO D . -2.19 -14.17 -19.94
C1 EDO E . -3.95 8.32 1.54
O1 EDO E . -3.49 8.10 0.22
C2 EDO E . -5.28 7.62 1.74
O2 EDO E . -5.07 6.23 1.80
C1 EDO F . -3.76 -18.79 -7.81
O1 EDO F . -2.37 -18.54 -7.71
C2 EDO F . -4.10 -19.09 -9.26
O2 EDO F . -5.46 -19.44 -9.35
NA NA G . -29.18 8.55 -6.62
NA NA H . 0.12 -0.31 -5.10
C1 IPA I . 3.98 2.02 -22.78
C2 IPA I . 3.54 3.04 -21.76
C3 IPA I . 2.19 3.59 -22.15
O2 IPA I . 4.51 4.06 -21.71
C1 IPA J . 17.00 -0.90 -10.45
C2 IPA J . 17.10 -2.38 -10.78
C3 IPA J . 16.25 -3.18 -9.82
O2 IPA J . 16.63 -2.60 -12.09
C1 IPA K . -25.98 1.81 -23.80
C2 IPA K . -25.37 1.48 -22.45
C3 IPA K . -24.59 0.19 -22.53
O2 IPA K . -26.40 1.34 -21.50
CAC FLC L . -1.48 -0.73 -8.09
CA FLC L . -2.52 0.33 -7.80
CB FLC L . -2.56 0.83 -6.39
CBC FLC L . -2.83 -0.31 -5.44
CG FLC L . -3.69 1.84 -6.38
CGC FLC L . -3.86 2.55 -5.07
OA1 FLC L . -0.84 -1.31 -7.18
OA2 FLC L . -1.24 -1.05 -9.29
OB1 FLC L . -2.09 -0.54 -4.44
OB2 FLC L . -3.83 -1.04 -5.65
OG1 FLC L . -2.93 2.57 -4.22
OG2 FLC L . -4.95 3.13 -4.82
OHB FLC L . -1.34 1.46 -6.07
#